data_1XBZ
#
_entry.id   1XBZ
#
_cell.length_a   123.776
_cell.length_b   41.435
_cell.length_c   91.011
_cell.angle_alpha   90.00
_cell.angle_beta   96.72
_cell.angle_gamma   90.00
#
_symmetry.space_group_name_H-M   'C 1 2 1'
#
loop_
_entity.id
_entity.type
_entity.pdbx_description
1 polymer '3-Keto-L-Gulonate 6-Phosphate Decarboxylase'
2 non-polymer 'MAGNESIUM ION'
3 non-polymer 'L-XYLULOSE 5-PHOSPHATE'
4 water water
#
_entity_poly.entity_id   1
_entity_poly.type   'polypeptide(L)'
_entity_poly.pdbx_seq_one_letter_code
;MSLPMLQVALDNQTMDSAYETTRLIAEEVDIIEVGTILCVGEGVRAVRDLKALYPHKIVLADAKIADAGKILSRMCFEAN
ADWVTVICCADINTAKGALDVAKEFNGDVQIDLTGYWTWEQAQQWRDAGIGQVVYHRSVDAQAAGVAWGEADITAIKRLS
DMGFKVTVAGGLALEDLPLFKGIPIHVFIAGRSIRDAASPVEAARQFKRSIAELWG
;
_entity_poly.pdbx_strand_id   A,B
#
loop_
_chem_comp.id
_chem_comp.type
_chem_comp.name
_chem_comp.formula
LX1 non-polymer 'L-XYLULOSE 5-PHOSPHATE' 'C5 H13 O7 P'
MG non-polymer 'MAGNESIUM ION' 'Mg 2'
#
# COMPACT_ATOMS: atom_id res chain seq x y z
N LEU A 3 -11.86 -18.12 -21.47
CA LEU A 3 -10.97 -18.86 -20.54
C LEU A 3 -10.38 -17.92 -19.48
N PRO A 4 -10.12 -18.42 -18.28
CA PRO A 4 -9.30 -17.68 -17.32
C PRO A 4 -8.02 -17.21 -18.02
N MET A 5 -7.68 -15.94 -17.84
CA MET A 5 -6.45 -15.37 -18.38
C MET A 5 -5.29 -15.70 -17.45
N LEU A 6 -4.08 -15.59 -17.99
CA LEU A 6 -2.86 -15.88 -17.24
C LEU A 6 -2.06 -14.59 -17.02
N GLN A 7 -1.71 -14.29 -15.77
CA GLN A 7 -1.07 -13.01 -15.41
C GLN A 7 0.24 -13.38 -14.79
N VAL A 8 1.32 -12.74 -15.23
CA VAL A 8 2.63 -12.95 -14.60
C VAL A 8 2.88 -11.80 -13.64
N ALA A 9 3.30 -12.09 -12.42
CA ALA A 9 3.58 -11.05 -11.43
C ALA A 9 5.04 -10.79 -11.49
N LEU A 10 5.41 -9.56 -11.82
CA LEU A 10 6.81 -9.13 -11.78
C LEU A 10 7.12 -8.56 -10.41
N ASP A 11 7.35 -9.44 -9.47
CA ASP A 11 7.78 -9.04 -8.14
C ASP A 11 9.29 -8.98 -8.10
N ASN A 12 9.82 -7.99 -8.80
CA ASN A 12 11.25 -7.74 -8.91
C ASN A 12 11.58 -6.36 -8.38
N GLN A 13 12.83 -6.16 -7.98
CA GLN A 13 13.22 -4.87 -7.39
C GLN A 13 13.62 -3.80 -8.42
N THR A 14 14.07 -4.23 -9.61
CA THR A 14 14.55 -3.33 -10.65
C THR A 14 13.99 -3.76 -11.99
N MET A 15 13.97 -2.84 -12.95
CA MET A 15 13.44 -3.13 -14.27
C MET A 15 14.26 -4.20 -14.95
N ASP A 16 15.59 -4.09 -14.89
CA ASP A 16 16.43 -5.10 -15.56
C ASP A 16 16.20 -6.53 -15.06
N SER A 17 15.93 -6.69 -13.77
CA SER A 17 15.52 -7.98 -13.23
C SER A 17 14.16 -8.45 -13.83
N ALA A 18 13.18 -7.56 -13.88
CA ALA A 18 11.91 -7.89 -14.51
C ALA A 18 12.08 -8.29 -15.98
N TYR A 19 12.94 -7.61 -16.72
CA TYR A 19 13.12 -7.91 -18.13
C TYR A 19 13.72 -9.29 -18.37
N GLU A 20 14.47 -9.83 -17.40
CA GLU A 20 14.98 -11.20 -17.49
C GLU A 20 13.82 -12.15 -17.67
N THR A 21 12.68 -11.80 -17.07
CA THR A 21 11.45 -12.56 -17.20
C THR A 21 10.63 -12.18 -18.41
N THR A 22 10.34 -10.91 -18.60
CA THR A 22 9.50 -10.53 -19.74
C THR A 22 10.13 -10.89 -21.07
N ARG A 23 11.45 -10.88 -21.18
CA ARG A 23 12.07 -11.20 -22.46
C ARG A 23 11.83 -12.70 -22.85
N LEU A 24 11.56 -13.53 -21.86
CA LEU A 24 11.18 -14.94 -22.10
C LEU A 24 9.67 -15.13 -22.30
N ILE A 25 8.83 -14.46 -21.50
CA ILE A 25 7.42 -14.90 -21.41
C ILE A 25 6.37 -13.83 -21.72
N ALA A 26 6.76 -12.64 -22.15
CA ALA A 26 5.77 -11.59 -22.36
C ALA A 26 4.69 -12.05 -23.36
N GLU A 27 5.08 -12.76 -24.40
CA GLU A 27 4.13 -13.20 -25.41
C GLU A 27 3.35 -14.46 -24.98
N GLU A 28 3.67 -15.03 -23.82
CA GLU A 28 3.10 -16.30 -23.36
C GLU A 28 2.01 -16.07 -22.32
N VAL A 29 1.78 -14.81 -21.95
CA VAL A 29 0.78 -14.48 -20.93
C VAL A 29 -0.15 -13.41 -21.47
N ASP A 30 -1.20 -13.11 -20.71
CA ASP A 30 -2.20 -12.12 -21.09
C ASP A 30 -2.06 -10.79 -20.38
N ILE A 31 -1.59 -10.86 -19.15
CA ILE A 31 -1.49 -9.70 -18.28
C ILE A 31 -0.09 -9.65 -17.71
N ILE A 32 0.53 -8.49 -17.79
CA ILE A 32 1.80 -8.27 -17.14
C ILE A 32 1.60 -7.38 -15.91
N GLU A 33 1.90 -7.91 -14.73
CA GLU A 33 1.73 -7.20 -13.49
C GLU A 33 3.06 -6.57 -13.08
N VAL A 34 3.01 -5.26 -12.85
CA VAL A 34 4.05 -4.60 -12.08
C VAL A 34 3.78 -4.89 -10.61
N GLY A 35 4.56 -5.80 -10.04
CA GLY A 35 4.35 -6.20 -8.66
C GLY A 35 4.55 -5.04 -7.72
N THR A 36 3.98 -5.16 -6.53
CA THR A 36 4.19 -4.14 -5.49
C THR A 36 5.68 -3.85 -5.22
N ILE A 37 6.51 -4.90 -5.20
CA ILE A 37 7.96 -4.81 -5.04
C ILE A 37 8.55 -3.89 -6.10
N LEU A 38 8.07 -4.03 -7.33
CA LEU A 38 8.57 -3.23 -8.45
C LEU A 38 8.02 -1.81 -8.41
N CYS A 39 6.75 -1.63 -8.02
CA CYS A 39 6.22 -0.29 -7.77
C CYS A 39 7.10 0.46 -6.77
N VAL A 40 7.49 -0.20 -5.70
CA VAL A 40 8.27 0.47 -4.64
C VAL A 40 9.73 0.61 -5.05
N GLY A 41 10.25 -0.35 -5.82
CA GLY A 41 11.64 -0.35 -6.20
C GLY A 41 11.91 0.72 -7.24
N GLU A 42 11.04 0.81 -8.25
CA GLU A 42 11.30 1.66 -9.40
C GLU A 42 10.32 2.81 -9.55
N GLY A 43 9.17 2.71 -8.89
CA GLY A 43 8.11 3.69 -9.08
C GLY A 43 7.38 3.50 -10.41
N VAL A 44 6.57 4.47 -10.73
CA VAL A 44 5.57 4.38 -11.77
C VAL A 44 6.19 4.27 -13.18
N ARG A 45 7.45 4.66 -13.28
CA ARG A 45 8.19 4.42 -14.51
C ARG A 45 8.13 2.95 -14.91
N ALA A 46 7.98 2.02 -13.95
CA ALA A 46 7.87 0.61 -14.29
C ALA A 46 6.67 0.34 -15.17
N VAL A 47 5.57 1.01 -14.85
CA VAL A 47 4.30 0.88 -15.57
C VAL A 47 4.45 1.43 -16.96
N ARG A 48 5.03 2.61 -17.06
CA ARG A 48 5.22 3.29 -18.34
C ARG A 48 6.10 2.50 -19.26
N ASP A 49 7.20 2.02 -18.72
CA ASP A 49 8.17 1.31 -19.56
C ASP A 49 7.59 0.00 -20.04
N LEU A 50 6.94 -0.76 -19.15
CA LEU A 50 6.39 -2.07 -19.51
C LEU A 50 5.26 -1.96 -20.49
N LYS A 51 4.41 -0.96 -20.34
CA LYS A 51 3.37 -0.77 -21.36
C LYS A 51 3.96 -0.39 -22.70
N ALA A 52 5.03 0.38 -22.72
CA ALA A 52 5.63 0.78 -23.98
C ALA A 52 6.21 -0.43 -24.68
N LEU A 53 6.82 -1.32 -23.89
CA LEU A 53 7.35 -2.55 -24.44
C LEU A 53 6.25 -3.49 -24.96
N TYR A 54 5.13 -3.60 -24.21
CA TYR A 54 4.13 -4.67 -24.40
C TYR A 54 2.74 -4.03 -24.47
N PRO A 55 2.54 -3.15 -25.44
CA PRO A 55 1.33 -2.32 -25.47
C PRO A 55 0.06 -3.15 -25.78
N HIS A 56 0.29 -4.31 -26.36
CA HIS A 56 -0.75 -5.30 -26.65
C HIS A 56 -1.18 -6.19 -25.47
N LYS A 57 -0.51 -6.05 -24.35
CA LYS A 57 -0.85 -6.74 -23.14
C LYS A 57 -1.51 -5.79 -22.17
N ILE A 58 -2.34 -6.35 -21.32
CA ILE A 58 -2.90 -5.68 -20.17
C ILE A 58 -1.81 -5.48 -19.13
N VAL A 59 -1.59 -4.26 -18.69
CA VAL A 59 -0.60 -3.97 -17.65
C VAL A 59 -1.35 -3.57 -16.37
N LEU A 60 -1.02 -4.27 -15.30
CA LEU A 60 -1.63 -4.10 -13.99
C LEU A 60 -0.59 -3.53 -13.07
N ALA A 61 -0.91 -2.43 -12.40
CA ALA A 61 -0.03 -1.87 -11.39
C ALA A 61 -0.49 -2.34 -10.04
N ASP A 62 0.29 -3.22 -9.41
CA ASP A 62 -0.13 -3.78 -8.14
C ASP A 62 0.29 -2.87 -6.96
N ALA A 63 -0.28 -1.67 -6.96
CA ALA A 63 0.07 -0.62 -6.03
C ALA A 63 -0.57 -0.81 -4.66
N LYS A 64 -1.63 -1.61 -4.57
CA LYS A 64 -2.31 -1.88 -3.30
C LYS A 64 -2.63 -0.56 -2.59
N ILE A 65 -3.25 0.32 -3.33
CA ILE A 65 -3.50 1.67 -2.86
C ILE A 65 -4.35 1.61 -1.56
N ALA A 66 -3.85 2.26 -0.50
CA ALA A 66 -4.49 2.29 0.81
C ALA A 66 -5.28 3.57 1.12
N ASP A 67 -4.91 4.64 0.40
CA ASP A 67 -5.49 5.96 0.60
C ASP A 67 -5.02 6.84 -0.56
N ALA A 68 -5.56 8.04 -0.68
CA ALA A 68 -5.24 8.92 -1.78
C ALA A 68 -5.60 8.25 -3.10
N GLY A 69 -6.82 7.67 -3.16
CA GLY A 69 -7.24 6.87 -4.30
C GLY A 69 -7.16 7.59 -5.63
N LYS A 70 -7.63 8.84 -5.63
CA LYS A 70 -7.66 9.61 -6.84
C LYS A 70 -6.24 9.96 -7.31
N ILE A 71 -5.40 10.39 -6.39
CA ILE A 71 -4.05 10.80 -6.76
C ILE A 71 -3.20 9.59 -7.23
N LEU A 72 -3.15 8.53 -6.44
CA LEU A 72 -2.32 7.35 -6.79
C LEU A 72 -2.83 6.68 -8.05
N SER A 73 -4.14 6.54 -8.21
CA SER A 73 -4.65 5.92 -9.43
C SER A 73 -4.31 6.77 -10.65
N ARG A 74 -4.45 8.07 -10.55
CA ARG A 74 -4.08 8.93 -11.67
C ARG A 74 -2.59 8.82 -12.04
N MET A 75 -1.71 8.68 -11.05
CA MET A 75 -0.31 8.47 -11.38
C MET A 75 -0.12 7.20 -12.21
N CYS A 76 -0.72 6.09 -11.77
CA CYS A 76 -0.66 4.86 -12.51
C CYS A 76 -1.28 4.93 -13.88
N PHE A 77 -2.47 5.53 -14.01
CA PHE A 77 -3.11 5.60 -15.30
C PHE A 77 -2.40 6.58 -16.26
N GLU A 78 -1.82 7.64 -15.72
CA GLU A 78 -1.00 8.54 -16.56
C GLU A 78 0.26 7.84 -17.10
N ALA A 79 0.70 6.81 -16.39
CA ALA A 79 1.81 5.96 -16.81
C ALA A 79 1.35 4.83 -17.72
N ASN A 80 0.06 4.84 -18.10
CA ASN A 80 -0.52 3.92 -19.08
C ASN A 80 -0.88 2.55 -18.54
N ALA A 81 -1.08 2.44 -17.23
CA ALA A 81 -1.70 1.25 -16.66
C ALA A 81 -3.08 1.00 -17.25
N ASP A 82 -3.42 -0.28 -17.38
CA ASP A 82 -4.78 -0.72 -17.67
C ASP A 82 -5.60 -0.90 -16.43
N TRP A 83 -5.02 -1.60 -15.45
CA TRP A 83 -5.65 -1.88 -14.18
C TRP A 83 -4.75 -1.49 -13.02
N VAL A 84 -5.36 -1.21 -11.88
CA VAL A 84 -4.67 -0.93 -10.64
C VAL A 84 -5.36 -1.60 -9.50
N THR A 85 -4.61 -1.93 -8.44
CA THR A 85 -5.19 -2.49 -7.24
C THR A 85 -5.30 -1.51 -6.10
N VAL A 86 -6.39 -1.67 -5.35
CA VAL A 86 -6.67 -0.96 -4.11
C VAL A 86 -6.73 -2.02 -3.02
N ILE A 87 -6.04 -1.82 -1.92
CA ILE A 87 -6.04 -2.79 -0.83
C ILE A 87 -7.41 -2.85 -0.12
N CYS A 88 -7.75 -4.04 0.34
CA CYS A 88 -9.11 -4.30 0.85
C CYS A 88 -9.53 -3.44 2.06
N CYS A 89 -8.58 -3.02 2.91
CA CYS A 89 -8.96 -2.19 4.05
C CYS A 89 -9.11 -0.71 3.76
N ALA A 90 -8.95 -0.30 2.49
CA ALA A 90 -9.00 1.13 2.18
C ALA A 90 -10.38 1.65 2.51
N ASP A 91 -10.44 2.88 2.99
CA ASP A 91 -11.70 3.57 3.14
C ASP A 91 -12.46 3.42 1.83
N ILE A 92 -13.77 3.18 1.91
CA ILE A 92 -14.60 3.04 0.69
C ILE A 92 -14.50 4.23 -0.26
N ASN A 93 -14.25 5.43 0.25
CA ASN A 93 -14.08 6.58 -0.64
C ASN A 93 -12.78 6.49 -1.45
N THR A 94 -11.77 5.85 -0.88
CA THR A 94 -10.52 5.58 -1.63
C THR A 94 -10.83 4.74 -2.86
N ALA A 95 -11.58 3.65 -2.67
CA ALA A 95 -11.92 2.78 -3.78
C ALA A 95 -12.75 3.49 -4.81
N LYS A 96 -13.73 4.29 -4.37
CA LYS A 96 -14.56 5.05 -5.30
C LYS A 96 -13.71 6.04 -6.09
N GLY A 97 -12.79 6.71 -5.39
CA GLY A 97 -11.91 7.69 -6.01
C GLY A 97 -11.09 7.06 -7.14
N ALA A 98 -10.53 5.88 -6.85
CA ALA A 98 -9.68 5.21 -7.82
C ALA A 98 -10.50 4.76 -9.00
N LEU A 99 -11.72 4.28 -8.76
CA LEU A 99 -12.60 3.84 -9.83
C LEU A 99 -13.04 5.00 -10.74
N ASP A 100 -13.34 6.17 -10.17
CA ASP A 100 -13.70 7.31 -11.01
C ASP A 100 -12.55 7.67 -11.96
N VAL A 101 -11.33 7.69 -11.46
CA VAL A 101 -10.19 8.00 -12.31
C VAL A 101 -10.04 6.91 -13.39
N ALA A 102 -10.16 5.64 -12.99
CA ALA A 102 -9.99 4.53 -13.92
C ALA A 102 -10.94 4.71 -15.12
N LYS A 103 -12.17 5.12 -14.87
CA LYS A 103 -13.13 5.27 -15.93
C LYS A 103 -12.75 6.35 -16.93
N GLU A 104 -12.07 7.41 -16.46
CA GLU A 104 -11.54 8.48 -17.36
C GLU A 104 -10.54 7.96 -18.37
N PHE A 105 -9.79 6.93 -17.97
CA PHE A 105 -8.72 6.34 -18.77
C PHE A 105 -9.16 5.01 -19.37
N ASN A 106 -10.46 4.66 -19.23
CA ASN A 106 -10.99 3.37 -19.69
C ASN A 106 -10.24 2.16 -19.13
N GLY A 107 -9.82 2.26 -17.88
CA GLY A 107 -9.18 1.16 -17.19
C GLY A 107 -10.08 0.68 -16.11
N ASP A 108 -9.50 0.00 -15.13
CA ASP A 108 -10.29 -0.64 -14.09
C ASP A 108 -9.52 -0.78 -12.80
N VAL A 109 -10.25 -0.98 -11.71
CA VAL A 109 -9.72 -1.14 -10.39
C VAL A 109 -10.07 -2.56 -9.93
N GLN A 110 -9.12 -3.17 -9.27
CA GLN A 110 -9.35 -4.40 -8.53
C GLN A 110 -9.14 -4.20 -7.05
N ILE A 111 -9.98 -4.82 -6.22
CA ILE A 111 -9.72 -4.78 -4.80
C ILE A 111 -8.86 -5.97 -4.48
N ASP A 112 -7.73 -5.75 -3.83
CA ASP A 112 -6.82 -6.82 -3.53
C ASP A 112 -7.17 -7.32 -2.14
N LEU A 113 -7.51 -8.61 -2.05
CA LEU A 113 -7.98 -9.20 -0.79
C LEU A 113 -6.82 -9.83 -0.02
N THR A 114 -5.77 -9.06 0.24
CA THR A 114 -4.62 -9.46 1.01
C THR A 114 -4.87 -9.13 2.47
N GLY A 115 -4.70 -10.10 3.35
CA GLY A 115 -4.93 -9.88 4.78
C GLY A 115 -6.40 -9.84 5.16
N TYR A 116 -6.73 -9.04 6.18
CA TYR A 116 -8.04 -9.06 6.79
C TYR A 116 -9.07 -8.20 6.04
N TRP A 117 -10.21 -8.80 5.67
CA TRP A 117 -11.37 -8.08 5.11
C TRP A 117 -12.67 -8.78 5.54
N THR A 118 -13.81 -8.17 5.25
CA THR A 118 -15.14 -8.70 5.65
C THR A 118 -16.12 -8.75 4.50
N TRP A 119 -17.14 -9.60 4.64
CA TRP A 119 -18.19 -9.68 3.61
C TRP A 119 -19.01 -8.41 3.49
N GLU A 120 -19.12 -7.66 4.57
CA GLU A 120 -19.83 -6.39 4.53
C GLU A 120 -19.09 -5.41 3.60
N GLN A 121 -17.77 -5.39 3.73
CA GLN A 121 -16.90 -4.58 2.86
C GLN A 121 -17.08 -4.99 1.41
N ALA A 122 -17.13 -6.31 1.17
CA ALA A 122 -17.35 -6.82 -0.20
C ALA A 122 -18.62 -6.28 -0.79
N GLN A 123 -19.68 -6.27 0.01
CA GLN A 123 -20.94 -5.71 -0.45
C GLN A 123 -20.78 -4.22 -0.75
N GLN A 124 -20.03 -3.50 0.09
CA GLN A 124 -19.77 -2.08 -0.18
C GLN A 124 -19.08 -1.86 -1.53
N TRP A 125 -18.07 -2.68 -1.83
CA TRP A 125 -17.33 -2.54 -3.10
C TRP A 125 -18.26 -2.82 -4.25
N ARG A 126 -19.11 -3.83 -4.10
CA ARG A 126 -20.07 -4.15 -5.14
C ARG A 126 -21.05 -2.97 -5.38
N ASP A 127 -21.62 -2.45 -4.30
CA ASP A 127 -22.48 -1.26 -4.37
C ASP A 127 -21.76 -0.07 -4.98
N ALA A 128 -20.45 0.03 -4.74
CA ALA A 128 -19.65 1.16 -5.24
C ALA A 128 -19.34 1.06 -6.71
N GLY A 129 -19.60 -0.11 -7.31
CA GLY A 129 -19.35 -0.33 -8.73
C GLY A 129 -18.09 -1.16 -9.05
N ILE A 130 -17.37 -1.65 -8.05
CA ILE A 130 -16.17 -2.45 -8.27
C ILE A 130 -16.57 -3.81 -8.89
N GLY A 131 -15.95 -4.17 -10.01
CA GLY A 131 -16.23 -5.42 -10.69
C GLY A 131 -15.14 -6.51 -10.63
N GLN A 132 -14.04 -6.25 -9.92
CA GLN A 132 -12.90 -7.14 -9.86
C GLN A 132 -12.34 -7.23 -8.47
N VAL A 133 -12.08 -8.46 -8.02
CA VAL A 133 -11.32 -8.68 -6.82
C VAL A 133 -10.21 -9.68 -7.06
N VAL A 134 -9.18 -9.59 -6.24
CA VAL A 134 -8.06 -10.53 -6.25
C VAL A 134 -8.01 -11.31 -4.96
N TYR A 135 -8.39 -12.59 -5.07
CA TYR A 135 -8.36 -13.47 -3.92
C TYR A 135 -6.98 -14.09 -3.69
N HIS A 136 -6.40 -13.87 -2.51
CA HIS A 136 -5.08 -14.43 -2.15
C HIS A 136 -5.14 -15.58 -1.16
N ARG A 137 -4.40 -16.67 -1.46
CA ARG A 137 -4.11 -17.68 -0.45
C ARG A 137 -3.12 -17.09 0.54
N SER A 138 -3.38 -17.39 1.81
CA SER A 138 -2.79 -16.68 2.96
C SER A 138 -1.27 -16.80 3.10
N VAL A 139 -0.73 -15.98 4.01
CA VAL A 139 0.71 -15.93 4.30
C VAL A 139 1.17 -17.31 4.74
N ASP A 140 0.65 -17.72 5.89
CA ASP A 140 0.97 -18.97 6.54
C ASP A 140 0.43 -20.17 5.78
N ALA A 141 -0.76 -20.03 5.17
CA ALA A 141 -1.38 -21.11 4.40
C ALA A 141 -0.38 -21.74 3.44
N GLN A 142 0.30 -20.90 2.65
CA GLN A 142 1.42 -21.33 1.80
C GLN A 142 2.54 -21.97 2.66
N VAL A 146 -0.11 -25.64 3.38
CA VAL A 146 -0.17 -25.68 1.91
C VAL A 146 -1.62 -25.88 1.41
N ALA A 147 -1.75 -26.24 0.12
CA ALA A 147 -3.00 -26.74 -0.47
C ALA A 147 -4.22 -25.81 -0.39
N TRP A 148 -4.63 -25.30 -1.55
CA TRP A 148 -5.87 -24.51 -1.65
C TRP A 148 -7.04 -25.30 -1.02
N GLY A 149 -7.42 -24.88 0.19
CA GLY A 149 -8.47 -25.53 0.98
C GLY A 149 -9.88 -25.11 0.60
N GLU A 150 -10.87 -25.84 1.09
CA GLU A 150 -12.25 -25.64 0.65
C GLU A 150 -12.83 -24.28 1.08
N ALA A 151 -12.34 -23.75 2.19
CA ALA A 151 -12.79 -22.43 2.63
C ALA A 151 -12.45 -21.33 1.59
N ASP A 152 -11.32 -21.51 0.87
CA ASP A 152 -10.96 -20.63 -0.26
C ASP A 152 -11.93 -20.77 -1.40
N ILE A 153 -12.17 -22.01 -1.82
CA ILE A 153 -13.03 -22.31 -2.95
C ILE A 153 -14.42 -21.70 -2.73
N THR A 154 -14.92 -21.91 -1.52
CA THR A 154 -16.21 -21.38 -1.06
C THR A 154 -16.24 -19.86 -1.14
N ALA A 155 -15.23 -19.20 -0.57
CA ALA A 155 -15.12 -17.73 -0.62
C ALA A 155 -15.03 -17.25 -2.04
N ILE A 156 -14.23 -17.94 -2.86
CA ILE A 156 -14.13 -17.59 -4.27
C ILE A 156 -15.46 -17.68 -5.00
N LYS A 157 -16.19 -18.79 -4.79
CA LYS A 157 -17.51 -18.91 -5.41
C LYS A 157 -18.47 -17.83 -4.94
N ARG A 158 -18.39 -17.51 -3.66
CA ARG A 158 -19.27 -16.50 -3.07
C ARG A 158 -19.04 -15.13 -3.68
N LEU A 159 -17.77 -14.80 -3.86
CA LEU A 159 -17.38 -13.54 -4.51
C LEU A 159 -17.83 -13.56 -5.94
N SER A 160 -17.64 -14.68 -6.62
CA SER A 160 -18.13 -14.79 -7.99
C SER A 160 -19.65 -14.58 -8.05
N ASP A 161 -20.38 -15.22 -7.14
CA ASP A 161 -21.86 -15.07 -7.12
C ASP A 161 -22.30 -13.64 -6.84
N MET A 162 -21.49 -12.85 -6.14
CA MET A 162 -21.78 -11.44 -5.89
C MET A 162 -21.63 -10.57 -7.12
N GLY A 163 -21.07 -11.14 -8.18
CA GLY A 163 -20.91 -10.44 -9.45
C GLY A 163 -19.49 -9.93 -9.71
N PHE A 164 -18.54 -10.27 -8.86
CA PHE A 164 -17.12 -9.91 -9.10
C PHE A 164 -16.51 -10.89 -10.09
N LYS A 165 -15.67 -10.37 -11.00
CA LYS A 165 -14.71 -11.18 -11.72
C LYS A 165 -13.55 -11.45 -10.77
N VAL A 166 -13.28 -12.72 -10.51
CA VAL A 166 -12.34 -13.07 -9.47
C VAL A 166 -10.99 -13.48 -10.04
N THR A 167 -9.92 -12.89 -9.52
CA THR A 167 -8.55 -13.34 -9.78
C THR A 167 -8.06 -14.23 -8.65
N VAL A 168 -7.32 -15.28 -8.98
CA VAL A 168 -6.78 -16.22 -7.98
C VAL A 168 -5.26 -16.07 -7.90
N ALA A 169 -4.73 -15.93 -6.69
CA ALA A 169 -3.30 -15.62 -6.54
C ALA A 169 -2.75 -16.12 -5.26
N GLY A 170 -1.46 -16.43 -5.23
CA GLY A 170 -0.76 -16.69 -3.98
C GLY A 170 -0.07 -18.04 -4.00
N GLY A 171 1.20 -18.06 -4.44
CA GLY A 171 1.96 -19.27 -4.62
C GLY A 171 1.31 -20.27 -5.56
N LEU A 172 0.56 -19.80 -6.56
CA LEU A 172 -0.13 -20.69 -7.46
C LEU A 172 0.87 -21.60 -8.19
N ALA A 173 0.63 -22.90 -8.13
CA ALA A 173 1.35 -23.91 -8.93
C ALA A 173 0.44 -24.52 -9.97
N LEU A 174 1.03 -25.10 -11.02
CA LEU A 174 0.29 -25.71 -12.11
C LEU A 174 -0.73 -26.72 -11.61
N GLU A 175 -0.36 -27.46 -10.57
CA GLU A 175 -1.17 -28.59 -10.12
C GLU A 175 -2.42 -28.11 -9.38
N ASP A 176 -2.42 -26.84 -8.96
CA ASP A 176 -3.58 -26.26 -8.27
C ASP A 176 -4.78 -26.01 -9.17
N LEU A 177 -4.55 -25.91 -10.47
CA LEU A 177 -5.61 -25.46 -11.36
C LEU A 177 -6.95 -26.25 -11.34
N PRO A 178 -6.91 -27.58 -11.28
CA PRO A 178 -8.16 -28.37 -11.27
C PRO A 178 -9.10 -28.14 -10.10
N LEU A 179 -8.58 -27.69 -8.97
CA LEU A 179 -9.40 -27.33 -7.81
C LEU A 179 -10.47 -26.28 -8.10
N PHE A 180 -10.22 -25.43 -9.10
CA PHE A 180 -11.08 -24.30 -9.47
C PHE A 180 -12.00 -24.61 -10.64
N LYS A 181 -12.00 -25.86 -11.11
CA LYS A 181 -12.81 -26.25 -12.26
C LYS A 181 -14.28 -25.92 -12.00
N GLY A 182 -14.94 -25.35 -13.00
CA GLY A 182 -16.36 -25.03 -12.91
C GLY A 182 -16.68 -23.63 -12.40
N ILE A 183 -15.68 -22.97 -11.78
CA ILE A 183 -15.78 -21.56 -11.33
C ILE A 183 -15.27 -20.68 -12.46
N PRO A 184 -15.99 -19.63 -12.82
CA PRO A 184 -15.57 -18.77 -13.93
C PRO A 184 -14.45 -17.78 -13.53
N ILE A 185 -13.30 -18.31 -13.10
CA ILE A 185 -12.13 -17.53 -12.70
C ILE A 185 -11.74 -16.59 -13.84
N HIS A 186 -11.57 -15.30 -13.54
CA HIS A 186 -11.22 -14.29 -14.54
C HIS A 186 -9.74 -14.41 -14.90
N VAL A 187 -8.91 -14.51 -13.86
CA VAL A 187 -7.42 -14.53 -14.02
C VAL A 187 -6.79 -15.42 -12.99
N PHE A 188 -5.76 -16.12 -13.41
CA PHE A 188 -4.86 -16.79 -12.49
C PHE A 188 -3.54 -16.02 -12.55
N ILE A 189 -3.04 -15.62 -11.37
CA ILE A 189 -1.69 -15.06 -11.26
C ILE A 189 -0.63 -16.10 -10.93
N ALA A 190 0.47 -16.07 -11.66
CA ALA A 190 1.70 -16.77 -11.32
C ALA A 190 2.89 -15.84 -11.31
N GLY A 191 3.57 -15.74 -10.16
CA GLY A 191 4.82 -15.00 -10.00
C GLY A 191 5.96 -16.01 -9.98
N ARG A 192 6.25 -16.55 -8.81
CA ARG A 192 7.44 -17.37 -8.66
C ARG A 192 7.38 -18.61 -9.55
N SER A 193 6.19 -19.16 -9.73
CA SER A 193 6.02 -20.43 -10.44
C SER A 193 6.30 -20.29 -11.94
N ILE A 194 6.28 -19.04 -12.44
CA ILE A 194 6.80 -18.73 -13.77
C ILE A 194 8.23 -18.20 -13.75
N ARG A 195 8.47 -17.14 -12.97
CA ARG A 195 9.78 -16.47 -12.95
C ARG A 195 10.92 -17.39 -12.57
N ASP A 196 10.66 -18.23 -11.58
CA ASP A 196 11.71 -19.09 -11.00
C ASP A 196 11.73 -20.52 -11.53
N ALA A 197 10.87 -20.84 -12.48
CA ALA A 197 10.91 -22.14 -13.13
C ALA A 197 12.21 -22.34 -13.90
N ALA A 198 12.63 -23.60 -14.02
CA ALA A 198 13.79 -23.94 -14.83
C ALA A 198 13.60 -23.43 -16.27
N SER A 199 12.39 -23.60 -16.79
CA SER A 199 11.98 -23.05 -18.08
C SER A 199 10.73 -22.18 -17.92
N PRO A 200 10.90 -20.86 -17.74
CA PRO A 200 9.74 -19.97 -17.66
C PRO A 200 8.75 -20.08 -18.84
N VAL A 201 9.25 -20.25 -20.06
CA VAL A 201 8.39 -20.45 -21.22
C VAL A 201 7.50 -21.69 -21.11
N GLU A 202 8.08 -22.83 -20.77
CA GLU A 202 7.31 -24.07 -20.55
C GLU A 202 6.34 -23.90 -19.37
N ALA A 203 6.76 -23.19 -18.33
CA ALA A 203 5.89 -23.00 -17.16
C ALA A 203 4.65 -22.24 -17.57
N ALA A 204 4.83 -21.15 -18.32
CA ALA A 204 3.71 -20.37 -18.80
C ALA A 204 2.85 -21.19 -19.76
N ARG A 205 3.49 -21.92 -20.66
CA ARG A 205 2.72 -22.72 -21.61
C ARG A 205 1.93 -23.86 -20.93
N GLN A 206 2.48 -24.45 -19.88
CA GLN A 206 1.77 -25.49 -19.16
C GLN A 206 0.51 -24.91 -18.50
N PHE A 207 0.64 -23.72 -17.90
CA PHE A 207 -0.49 -23.05 -17.29
C PHE A 207 -1.57 -22.85 -18.32
N LYS A 208 -1.19 -22.35 -19.47
CA LYS A 208 -2.16 -22.01 -20.52
C LYS A 208 -2.83 -23.29 -21.07
N ARG A 209 -2.05 -24.35 -21.16
CA ARG A 209 -2.55 -25.63 -21.67
C ARG A 209 -3.59 -26.21 -20.73
N SER A 210 -3.24 -26.30 -19.45
CA SER A 210 -4.13 -26.81 -18.40
C SER A 210 -5.42 -26.00 -18.28
N ILE A 211 -5.32 -24.67 -18.38
CA ILE A 211 -6.50 -23.81 -18.36
C ILE A 211 -7.44 -24.15 -19.52
N ALA A 212 -6.86 -24.36 -20.69
CA ALA A 212 -7.62 -24.67 -21.88
C ALA A 212 -8.31 -26.05 -21.75
N GLU A 213 -7.64 -27.00 -21.10
CA GLU A 213 -8.21 -28.33 -20.84
C GLU A 213 -9.39 -28.17 -19.89
N LEU A 214 -9.21 -27.34 -18.87
CA LEU A 214 -10.16 -27.29 -17.76
C LEU A 214 -11.39 -26.42 -18.00
N TRP A 215 -11.33 -25.47 -18.93
CA TRP A 215 -12.42 -24.49 -19.10
C TRP A 215 -13.01 -24.43 -20.52
N MET B 1 2.85 14.80 27.89
CA MET B 1 3.98 15.14 28.77
C MET B 1 5.17 15.68 27.98
N SER B 2 6.07 14.58 27.18
CA SER B 2 6.88 15.13 26.05
C SER B 2 5.95 15.85 25.06
N LEU B 3 6.47 16.87 24.42
CA LEU B 3 5.74 17.52 23.34
C LEU B 3 5.58 16.57 22.17
N PRO B 4 4.39 16.55 21.58
CA PRO B 4 4.24 15.93 20.27
C PRO B 4 5.25 16.48 19.28
N MET B 5 5.81 15.59 18.46
CA MET B 5 6.79 15.96 17.44
C MET B 5 6.00 16.30 16.18
N LEU B 6 6.67 16.91 15.23
CA LEU B 6 6.05 17.31 13.98
C LEU B 6 6.71 16.56 12.82
N GLN B 7 5.89 15.98 11.98
CA GLN B 7 6.38 15.20 10.86
C GLN B 7 5.84 15.82 9.58
N VAL B 8 6.70 16.13 8.64
CA VAL B 8 6.24 16.62 7.33
C VAL B 8 6.08 15.45 6.38
N ALA B 9 4.93 15.31 5.79
CA ALA B 9 4.71 14.29 4.74
C ALA B 9 5.04 14.85 3.36
N LEU B 10 6.03 14.23 2.70
CA LEU B 10 6.35 14.57 1.34
C LEU B 10 5.53 13.70 0.39
N ASP B 11 4.31 14.13 0.12
CA ASP B 11 3.40 13.45 -0.80
C ASP B 11 3.49 14.10 -2.18
N ASN B 12 4.70 14.11 -2.69
CA ASN B 12 5.09 14.67 -3.96
C ASN B 12 5.30 13.54 -4.94
N GLN B 13 5.01 13.80 -6.21
CA GLN B 13 5.22 12.80 -7.24
C GLN B 13 6.64 12.70 -7.76
N THR B 14 7.46 13.71 -7.52
CA THR B 14 8.85 13.69 -7.98
C THR B 14 9.78 14.25 -6.92
N MET B 15 11.05 13.92 -7.00
CA MET B 15 11.99 14.33 -5.95
C MET B 15 12.11 15.84 -5.93
N ASP B 16 12.22 16.45 -7.11
CA ASP B 16 12.39 17.91 -7.18
C ASP B 16 11.24 18.67 -6.55
N SER B 17 10.01 18.17 -6.68
CA SER B 17 8.88 18.75 -5.99
C SER B 17 9.08 18.61 -4.46
N ALA B 18 9.47 17.43 -4.01
CA ALA B 18 9.78 17.27 -2.58
C ALA B 18 10.82 18.23 -2.07
N TYR B 19 11.90 18.43 -2.82
CA TYR B 19 13.00 19.30 -2.41
C TYR B 19 12.58 20.77 -2.28
N GLU B 20 11.60 21.20 -3.06
CA GLU B 20 11.08 22.56 -2.96
C GLU B 20 10.52 22.77 -1.56
N THR B 21 10.02 21.69 -0.95
CA THR B 21 9.64 21.70 0.44
C THR B 21 10.81 21.50 1.41
N THR B 22 11.61 20.44 1.24
CA THR B 22 12.60 20.15 2.29
C THR B 22 13.65 21.23 2.41
N ARG B 23 13.98 21.90 1.31
CA ARG B 23 14.95 22.99 1.41
C ARG B 23 14.49 24.13 2.33
N LEU B 24 13.19 24.29 2.48
CA LEU B 24 12.60 25.23 3.43
C LEU B 24 12.45 24.69 4.85
N ILE B 25 11.95 23.47 5.05
CA ILE B 25 11.52 23.06 6.37
C ILE B 25 12.27 21.87 7.02
N ALA B 26 13.32 21.37 6.38
CA ALA B 26 14.06 20.22 6.95
C ALA B 26 14.44 20.44 8.40
N GLU B 27 14.83 21.66 8.72
CA GLU B 27 15.29 21.98 10.06
C GLU B 27 14.22 22.60 10.90
N GLU B 28 12.99 22.54 10.41
CA GLU B 28 11.82 23.06 11.14
C GLU B 28 10.89 22.00 11.65
N VAL B 29 11.13 20.75 11.26
CA VAL B 29 10.31 19.62 11.62
C VAL B 29 11.23 18.50 12.23
N ASP B 30 10.65 17.51 12.86
CA ASP B 30 11.44 16.42 13.47
C ASP B 30 11.65 15.20 12.58
N ILE B 31 10.62 14.86 11.82
CA ILE B 31 10.59 13.66 10.98
C ILE B 31 10.28 14.04 9.55
N ILE B 32 11.07 13.52 8.62
CA ILE B 32 10.80 13.70 7.19
C ILE B 32 10.17 12.42 6.63
N GLU B 33 8.89 12.48 6.28
CA GLU B 33 8.22 11.36 5.68
C GLU B 33 8.33 11.36 4.14
N VAL B 34 8.85 10.25 3.60
CA VAL B 34 8.74 9.94 2.21
C VAL B 34 7.34 9.39 2.03
N GLY B 35 6.46 10.21 1.49
CA GLY B 35 5.09 9.83 1.37
C GLY B 35 4.88 8.66 0.44
N THR B 36 3.76 8.00 0.62
CA THR B 36 3.38 6.92 -0.31
C THR B 36 3.40 7.40 -1.75
N ILE B 37 2.93 8.62 -1.99
CA ILE B 37 2.90 9.19 -3.34
C ILE B 37 4.32 9.33 -3.91
N LEU B 38 5.28 9.67 -3.06
CA LEU B 38 6.64 9.82 -3.52
C LEU B 38 7.33 8.47 -3.74
N CYS B 39 7.05 7.49 -2.89
CA CYS B 39 7.60 6.14 -3.04
C CYS B 39 7.12 5.55 -4.34
N VAL B 40 5.85 5.75 -4.63
CA VAL B 40 5.26 5.24 -5.87
C VAL B 40 5.70 6.07 -7.09
N GLY B 41 5.94 7.36 -6.91
CA GLY B 41 6.36 8.21 -8.01
C GLY B 41 7.81 7.97 -8.45
N GLU B 42 8.72 7.86 -7.48
CA GLU B 42 10.14 7.80 -7.74
C GLU B 42 10.80 6.48 -7.34
N GLY B 43 10.10 5.67 -6.56
CA GLY B 43 10.66 4.45 -6.00
C GLY B 43 11.49 4.73 -4.75
N VAL B 44 12.16 3.69 -4.27
CA VAL B 44 12.79 3.74 -2.97
C VAL B 44 14.08 4.57 -2.99
N ARG B 45 14.54 4.95 -4.18
CA ARG B 45 15.61 5.93 -4.28
C ARG B 45 15.22 7.25 -3.52
N ALA B 46 13.93 7.53 -3.40
CA ALA B 46 13.46 8.72 -2.67
C ALA B 46 13.96 8.66 -1.21
N VAL B 47 13.88 7.47 -0.62
CA VAL B 47 14.36 7.25 0.75
C VAL B 47 15.89 7.46 0.85
N ARG B 48 16.63 6.82 -0.04
CA ARG B 48 18.09 6.92 -0.03
C ARG B 48 18.56 8.36 -0.21
N ASP B 49 17.94 9.07 -1.17
CA ASP B 49 18.34 10.43 -1.52
C ASP B 49 18.02 11.37 -0.38
N LEU B 50 16.81 11.24 0.22
CA LEU B 50 16.45 12.13 1.32
C LEU B 50 17.31 11.88 2.56
N LYS B 51 17.60 10.63 2.87
CA LYS B 51 18.44 10.38 4.02
C LYS B 51 19.86 10.89 3.79
N ALA B 52 20.36 10.81 2.56
CA ALA B 52 21.66 11.37 2.23
C ALA B 52 21.71 12.87 2.46
N LEU B 53 20.64 13.56 2.09
CA LEU B 53 20.53 15.01 2.33
C LEU B 53 20.42 15.38 3.79
N TYR B 54 19.69 14.58 4.56
CA TYR B 54 19.26 14.90 5.93
C TYR B 54 19.56 13.71 6.90
N PRO B 55 20.82 13.33 6.99
CA PRO B 55 21.21 12.08 7.72
C PRO B 55 20.98 12.14 9.25
N HIS B 56 20.90 13.37 9.74
CA HIS B 56 20.60 13.68 11.13
C HIS B 56 19.13 13.62 11.49
N LYS B 57 18.23 13.60 10.49
CA LYS B 57 16.81 13.52 10.72
C LYS B 57 16.31 12.08 10.67
N ILE B 58 15.24 11.84 11.40
CA ILE B 58 14.44 10.63 11.24
C ILE B 58 13.76 10.68 9.85
N VAL B 59 13.98 9.64 9.08
CA VAL B 59 13.33 9.46 7.77
C VAL B 59 12.39 8.25 7.81
N LEU B 60 11.13 8.51 7.49
CA LEU B 60 10.09 7.56 7.50
C LEU B 60 9.68 7.24 6.07
N ALA B 61 9.65 5.95 5.72
CA ALA B 61 9.14 5.54 4.41
C ALA B 61 7.71 5.09 4.59
N ASP B 62 6.76 5.85 4.04
CA ASP B 62 5.34 5.54 4.21
C ASP B 62 4.90 4.54 3.14
N ALA B 63 5.46 3.33 3.21
CA ALA B 63 5.23 2.32 2.18
C ALA B 63 3.89 1.60 2.32
N LYS B 64 3.32 1.60 3.53
CA LYS B 64 2.00 0.99 3.78
C LYS B 64 2.01 -0.45 3.29
N ILE B 65 3.04 -1.14 3.72
CA ILE B 65 3.29 -2.53 3.34
C ILE B 65 2.09 -3.40 3.70
N ALA B 66 1.56 -4.11 2.70
CA ALA B 66 0.38 -4.96 2.89
C ALA B 66 0.76 -6.46 2.95
N ASP B 67 1.90 -6.79 2.38
CA ASP B 67 2.33 -8.18 2.23
C ASP B 67 3.78 -8.14 1.89
N ALA B 68 4.43 -9.30 1.87
CA ALA B 68 5.87 -9.39 1.63
C ALA B 68 6.67 -8.47 2.58
N GLY B 69 6.35 -8.55 3.87
CA GLY B 69 6.89 -7.68 4.90
C GLY B 69 8.40 -7.66 4.98
N LYS B 70 9.04 -8.81 4.93
CA LYS B 70 10.50 -8.84 4.97
C LYS B 70 11.14 -8.21 3.74
N ILE B 71 10.62 -8.53 2.55
CA ILE B 71 11.25 -8.09 1.31
C ILE B 71 11.08 -6.57 1.21
N LEU B 72 9.86 -6.10 1.37
CA LEU B 72 9.59 -4.65 1.20
C LEU B 72 10.22 -3.80 2.32
N SER B 73 10.17 -4.27 3.56
CA SER B 73 10.90 -3.59 4.62
C SER B 73 12.40 -3.58 4.36
N ARG B 74 12.99 -4.72 3.94
CA ARG B 74 14.41 -4.73 3.63
C ARG B 74 14.78 -3.71 2.53
N MET B 75 13.92 -3.54 1.52
CA MET B 75 14.18 -2.55 0.45
C MET B 75 14.27 -1.13 1.02
N CYS B 76 13.36 -0.81 1.93
CA CYS B 76 13.34 0.50 2.58
C CYS B 76 14.52 0.72 3.51
N PHE B 77 14.82 -0.28 4.33
CA PHE B 77 15.95 -0.15 5.23
C PHE B 77 17.30 -0.12 4.56
N GLU B 78 17.46 -0.86 3.48
CA GLU B 78 18.69 -0.85 2.71
C GLU B 78 18.89 0.50 2.03
N ALA B 79 17.80 1.24 1.82
CA ALA B 79 17.80 2.63 1.36
C ALA B 79 17.94 3.64 2.52
N ASN B 80 18.13 3.14 3.74
CA ASN B 80 18.49 3.93 4.91
C ASN B 80 17.31 4.63 5.60
N ALA B 81 16.14 4.04 5.44
CA ALA B 81 15.00 4.40 6.25
C ALA B 81 15.26 4.15 7.73
N ASP B 82 14.66 5.01 8.55
CA ASP B 82 14.57 4.83 9.99
C ASP B 82 13.32 4.11 10.42
N TRP B 83 12.18 4.48 9.85
CA TRP B 83 10.87 3.92 10.19
C TRP B 83 10.22 3.52 8.88
N VAL B 84 9.41 2.47 8.90
CA VAL B 84 8.54 2.10 7.76
C VAL B 84 7.14 1.83 8.26
N THR B 85 6.14 2.05 7.40
CA THR B 85 4.77 1.74 7.74
C THR B 85 4.28 0.45 7.14
N VAL B 86 3.40 -0.24 7.90
CA VAL B 86 2.71 -1.44 7.48
C VAL B 86 1.22 -1.19 7.65
N ILE B 87 0.42 -1.41 6.60
CA ILE B 87 -0.99 -1.11 6.61
C ILE B 87 -1.73 -2.08 7.55
N CYS B 88 -2.82 -1.59 8.16
CA CYS B 88 -3.44 -2.27 9.31
C CYS B 88 -3.99 -3.68 8.98
N CYS B 89 -4.42 -3.90 7.75
CA CYS B 89 -5.01 -5.21 7.41
C CYS B 89 -3.99 -6.29 7.12
N ALA B 90 -2.71 -5.95 7.18
CA ALA B 90 -1.67 -6.91 6.86
C ALA B 90 -1.74 -8.08 7.85
N ASP B 91 -1.42 -9.25 7.33
CA ASP B 91 -1.24 -10.44 8.13
C ASP B 91 -0.26 -10.15 9.24
N ILE B 92 -0.56 -10.62 10.44
CA ILE B 92 0.36 -10.43 11.54
C ILE B 92 1.79 -10.83 11.24
N ASN B 93 2.00 -11.89 10.44
CA ASN B 93 3.36 -12.29 10.14
C ASN B 93 4.05 -11.33 9.16
N THR B 94 3.26 -10.66 8.35
CA THR B 94 3.73 -9.53 7.57
C THR B 94 4.34 -8.46 8.51
N ALA B 95 3.57 -8.03 9.51
CA ALA B 95 4.06 -7.03 10.46
C ALA B 95 5.27 -7.53 11.18
N LYS B 96 5.23 -8.77 11.64
CA LYS B 96 6.33 -9.34 12.36
C LYS B 96 7.55 -9.41 11.48
N GLY B 97 7.33 -9.72 10.21
CA GLY B 97 8.44 -9.83 9.28
C GLY B 97 9.10 -8.48 9.05
N ALA B 98 8.28 -7.43 8.92
CA ALA B 98 8.83 -6.08 8.79
C ALA B 98 9.61 -5.68 10.03
N LEU B 99 9.13 -6.09 11.21
CA LEU B 99 9.75 -5.69 12.47
C LEU B 99 11.09 -6.37 12.67
N ASP B 100 11.19 -7.63 12.22
CA ASP B 100 12.45 -8.38 12.33
C ASP B 100 13.53 -7.72 11.52
N VAL B 101 13.16 -7.29 10.32
CA VAL B 101 14.11 -6.61 9.47
C VAL B 101 14.42 -5.25 10.09
N ALA B 102 13.40 -4.58 10.59
CA ALA B 102 13.59 -3.25 11.18
C ALA B 102 14.60 -3.31 12.30
N LYS B 103 14.51 -4.34 13.17
CA LYS B 103 15.45 -4.47 14.28
C LYS B 103 16.90 -4.74 13.85
N GLU B 104 17.05 -5.45 12.76
CA GLU B 104 18.35 -5.66 12.12
C GLU B 104 19.03 -4.34 11.73
N PHE B 105 18.23 -3.37 11.29
CA PHE B 105 18.73 -2.06 10.87
C PHE B 105 18.59 -0.98 11.95
N ASN B 106 18.28 -1.38 13.17
CA ASN B 106 18.01 -0.46 14.27
C ASN B 106 16.97 0.60 13.92
N GLY B 107 15.93 0.18 13.21
CA GLY B 107 14.82 1.01 12.83
C GLY B 107 13.60 0.50 13.54
N ASP B 108 12.45 0.88 13.00
CA ASP B 108 11.17 0.57 13.62
C ASP B 108 10.05 0.57 12.59
N VAL B 109 8.92 0.01 12.99
CA VAL B 109 7.73 -0.17 12.20
C VAL B 109 6.56 0.49 12.88
N GLN B 110 5.73 1.17 12.10
CA GLN B 110 4.46 1.65 12.59
C GLN B 110 3.36 0.95 11.86
N ILE B 111 2.28 0.62 12.54
CA ILE B 111 1.09 0.21 11.84
C ILE B 111 0.28 1.40 11.45
N ASP B 112 -0.06 1.48 10.17
CA ASP B 112 -0.90 2.56 9.65
C ASP B 112 -2.35 2.16 9.78
N LEU B 113 -3.09 2.94 10.53
CA LEU B 113 -4.51 2.66 10.73
C LEU B 113 -5.39 3.41 9.74
N THR B 114 -5.14 3.29 8.43
CA THR B 114 -6.04 3.90 7.45
C THR B 114 -7.10 2.89 7.06
N GLY B 115 -8.37 3.30 7.14
CA GLY B 115 -9.49 2.41 6.80
C GLY B 115 -9.67 1.33 7.85
N TYR B 116 -10.46 0.31 7.51
CA TYR B 116 -11.02 -0.64 8.50
C TYR B 116 -9.99 -1.47 9.28
N TRP B 117 -10.17 -1.59 10.61
CA TRP B 117 -9.36 -2.47 11.51
C TRP B 117 -10.09 -2.76 12.86
N THR B 118 -9.55 -3.69 13.67
CA THR B 118 -10.20 -4.11 14.93
C THR B 118 -9.29 -4.08 16.15
N TRP B 119 -9.91 -4.18 17.42
CA TRP B 119 -9.17 -4.17 18.66
C TRP B 119 -8.44 -5.47 18.92
N GLU B 120 -8.96 -6.58 18.39
CA GLU B 120 -8.26 -7.85 18.40
C GLU B 120 -6.92 -7.72 17.64
N GLN B 121 -6.99 -7.16 16.45
CA GLN B 121 -5.78 -6.87 15.65
C GLN B 121 -4.76 -6.02 16.42
N ALA B 122 -5.25 -5.02 17.15
CA ALA B 122 -4.36 -4.14 17.90
C ALA B 122 -3.60 -4.85 19.01
N GLN B 123 -4.27 -5.77 19.72
CA GLN B 123 -3.60 -6.56 20.74
C GLN B 123 -2.54 -7.41 20.08
N GLN B 124 -2.86 -7.92 18.89
CA GLN B 124 -1.92 -8.72 18.10
C GLN B 124 -0.67 -7.93 17.80
N TRP B 125 -0.84 -6.65 17.44
CA TRP B 125 0.32 -5.78 17.20
C TRP B 125 1.13 -5.57 18.45
N ARG B 126 0.47 -5.29 19.58
CA ARG B 126 1.20 -5.16 20.86
C ARG B 126 1.97 -6.42 21.23
N ASP B 127 1.34 -7.58 21.09
CA ASP B 127 1.96 -8.85 21.50
C ASP B 127 3.16 -9.12 20.60
N ALA B 128 3.02 -8.71 19.34
CA ALA B 128 4.07 -8.83 18.33
C ALA B 128 5.24 -7.87 18.57
N GLY B 129 5.03 -6.86 19.43
CA GLY B 129 6.09 -5.94 19.80
C GLY B 129 6.02 -4.60 19.04
N ILE B 130 4.94 -4.33 18.34
CA ILE B 130 4.74 -3.05 17.63
C ILE B 130 4.39 -1.97 18.68
N GLY B 131 5.12 -0.85 18.61
CA GLY B 131 5.05 0.17 19.65
C GLY B 131 4.58 1.52 19.12
N GLN B 132 4.20 1.58 17.84
CA GLN B 132 3.74 2.80 17.16
C GLN B 132 2.58 2.51 16.21
N VAL B 133 1.57 3.39 16.23
CA VAL B 133 0.49 3.33 15.28
C VAL B 133 0.27 4.75 14.75
N VAL B 134 -0.25 4.83 13.54
CA VAL B 134 -0.66 6.08 12.94
C VAL B 134 -2.15 6.08 12.81
N TYR B 135 -2.76 6.89 13.65
CA TYR B 135 -4.20 7.09 13.56
C TYR B 135 -4.55 8.04 12.48
N HIS B 136 -5.10 7.48 11.42
CA HIS B 136 -5.21 8.18 10.16
C HIS B 136 -6.65 8.43 9.90
N ARG B 137 -6.98 9.68 9.67
CA ARG B 137 -8.21 9.96 8.95
C ARG B 137 -7.86 9.90 7.46
N SER B 138 -8.53 9.02 6.72
CA SER B 138 -8.26 8.90 5.28
C SER B 138 -8.46 10.29 4.58
N VAL B 139 -7.52 10.63 3.69
CA VAL B 139 -7.61 11.84 2.88
C VAL B 139 -8.85 11.83 1.98
N ASP B 140 -9.25 10.66 1.52
CA ASP B 140 -10.44 10.52 0.67
C ASP B 140 -11.71 10.64 1.49
N ALA B 141 -11.69 10.08 2.69
CA ALA B 141 -12.75 10.30 3.68
C ALA B 141 -12.94 11.80 3.93
N GLN B 142 -11.84 12.50 4.23
CA GLN B 142 -11.84 13.94 4.55
C GLN B 142 -12.44 14.74 3.40
N ALA B 143 -12.08 14.39 2.18
CA ALA B 143 -12.65 15.04 1.00
C ALA B 143 -14.17 14.80 0.91
N ALA B 144 -14.60 13.59 1.31
CA ALA B 144 -16.01 13.21 1.38
C ALA B 144 -16.74 13.88 2.56
N GLY B 145 -15.96 14.53 3.42
CA GLY B 145 -16.47 15.43 4.43
C GLY B 145 -16.33 14.91 5.85
N VAL B 146 -15.49 13.89 6.03
CA VAL B 146 -15.34 13.27 7.34
C VAL B 146 -14.50 14.18 8.21
N ALA B 147 -15.02 14.51 9.39
CA ALA B 147 -14.34 15.40 10.33
C ALA B 147 -13.77 14.62 11.54
N TRP B 148 -12.82 15.21 12.25
CA TRP B 148 -12.34 14.70 13.56
C TRP B 148 -13.46 14.73 14.59
N GLY B 149 -13.86 13.55 15.09
CA GLY B 149 -14.95 13.43 16.05
C GLY B 149 -14.58 12.92 17.41
N GLU B 150 -15.62 12.74 18.24
CA GLU B 150 -15.53 12.12 19.56
C GLU B 150 -14.92 10.74 19.47
N ALA B 151 -15.40 9.97 18.50
CA ALA B 151 -14.99 8.57 18.33
C ALA B 151 -13.48 8.44 18.08
N ASP B 152 -12.93 9.38 17.30
CA ASP B 152 -11.48 9.46 17.05
C ASP B 152 -10.71 9.69 18.33
N ILE B 153 -11.19 10.61 19.18
CA ILE B 153 -10.54 10.83 20.49
C ILE B 153 -10.59 9.59 21.38
N THR B 154 -11.75 8.94 21.46
CA THR B 154 -11.88 7.73 22.28
C THR B 154 -10.90 6.64 21.82
N ALA B 155 -10.89 6.41 20.52
CA ALA B 155 -9.99 5.41 19.88
C ALA B 155 -8.52 5.71 20.13
N ILE B 156 -8.12 6.97 19.92
CA ILE B 156 -6.74 7.38 20.16
C ILE B 156 -6.30 7.15 21.60
N LYS B 157 -7.16 7.49 22.54
CA LYS B 157 -6.83 7.34 23.97
C LYS B 157 -6.67 5.88 24.30
N ARG B 158 -7.52 5.06 23.71
CA ARG B 158 -7.52 3.63 23.94
C ARG B 158 -6.24 2.99 23.37
N LEU B 159 -5.84 3.39 22.16
CA LEU B 159 -4.57 2.95 21.60
C LEU B 159 -3.43 3.40 22.47
N SER B 160 -3.47 4.65 22.93
CA SER B 160 -2.46 5.12 23.86
C SER B 160 -2.43 4.25 25.14
N ASP B 161 -3.60 3.88 25.65
CA ASP B 161 -3.65 3.07 26.91
C ASP B 161 -3.04 1.68 26.75
N MET B 162 -3.16 1.11 25.54
CA MET B 162 -2.56 -0.19 25.20
C MET B 162 -1.04 -0.19 25.13
N GLY B 163 -0.44 1.00 25.10
CA GLY B 163 1.00 1.14 25.18
C GLY B 163 1.63 1.58 23.85
N PHE B 164 0.80 1.93 22.86
CA PHE B 164 1.29 2.49 21.58
C PHE B 164 1.53 3.99 21.72
N LYS B 165 2.62 4.41 21.09
CA LYS B 165 2.85 5.82 20.74
C LYS B 165 1.99 6.09 19.51
N VAL B 166 1.08 7.06 19.58
CA VAL B 166 0.10 7.30 18.54
C VAL B 166 0.54 8.53 17.76
N THR B 167 0.54 8.41 16.43
CA THR B 167 0.72 9.53 15.51
C THR B 167 -0.67 9.88 15.01
N VAL B 168 -0.97 11.17 14.91
CA VAL B 168 -2.23 11.64 14.34
C VAL B 168 -1.99 12.23 12.96
N ALA B 169 -2.85 11.90 12.00
CA ALA B 169 -2.64 12.36 10.64
C ALA B 169 -3.91 12.34 9.84
N GLY B 170 -3.97 13.20 8.82
CA GLY B 170 -4.99 13.18 7.80
C GLY B 170 -5.65 14.51 7.72
N GLY B 171 -5.10 15.35 6.86
CA GLY B 171 -5.65 16.67 6.62
C GLY B 171 -5.52 17.59 7.80
N LEU B 172 -4.53 17.32 8.64
CA LEU B 172 -4.38 18.09 9.84
C LEU B 172 -4.14 19.56 9.57
N ALA B 173 -4.92 20.40 10.24
CA ALA B 173 -4.75 21.84 10.16
C ALA B 173 -4.38 22.37 11.53
N LEU B 174 -3.81 23.56 11.56
CA LEU B 174 -3.36 24.18 12.80
C LEU B 174 -4.48 24.21 13.82
N GLU B 175 -5.69 24.56 13.39
CA GLU B 175 -6.83 24.70 14.29
C GLU B 175 -7.35 23.38 14.85
N ASP B 176 -6.91 22.26 14.29
CA ASP B 176 -7.25 20.96 14.84
C ASP B 176 -6.49 20.57 16.09
N LEU B 177 -5.33 21.16 16.36
CA LEU B 177 -4.49 20.73 17.47
C LEU B 177 -5.16 20.72 18.85
N PRO B 178 -5.94 21.74 19.20
CA PRO B 178 -6.59 21.76 20.51
C PRO B 178 -7.53 20.58 20.83
N LEU B 179 -8.06 19.91 19.81
CA LEU B 179 -8.94 18.76 19.96
C LEU B 179 -8.24 17.60 20.67
N PHE B 180 -6.92 17.57 20.55
CA PHE B 180 -6.08 16.52 21.07
C PHE B 180 -5.36 16.84 22.37
N LYS B 181 -5.58 18.04 22.88
CA LYS B 181 -4.97 18.47 24.12
C LYS B 181 -5.23 17.44 25.26
N GLY B 182 -4.21 17.22 26.08
CA GLY B 182 -4.34 16.32 27.21
C GLY B 182 -4.12 14.86 26.86
N ILE B 183 -3.89 14.55 25.59
CA ILE B 183 -3.55 13.17 25.15
C ILE B 183 -2.09 13.20 24.78
N PRO B 184 -1.30 12.20 25.21
CA PRO B 184 0.14 12.18 24.95
C PRO B 184 0.43 11.76 23.49
N ILE B 185 -0.02 12.56 22.55
CA ILE B 185 0.29 12.32 21.13
C ILE B 185 1.79 12.30 20.90
N HIS B 186 2.27 11.29 20.17
CA HIS B 186 3.69 11.17 19.92
C HIS B 186 4.17 12.10 18.77
N VAL B 187 3.38 12.11 17.72
CA VAL B 187 3.67 12.87 16.46
C VAL B 187 2.37 13.36 15.84
N PHE B 188 2.42 14.59 15.30
CA PHE B 188 1.42 15.07 14.36
C PHE B 188 2.06 15.14 12.96
N ILE B 189 1.36 14.57 11.99
CA ILE B 189 1.82 14.70 10.59
C ILE B 189 1.08 15.85 9.92
N ALA B 190 1.83 16.71 9.23
CA ALA B 190 1.26 17.72 8.35
C ALA B 190 1.91 17.62 6.96
N GLY B 191 1.10 17.33 5.96
CA GLY B 191 1.48 17.32 4.57
C GLY B 191 1.08 18.66 3.96
N ARG B 192 -0.13 18.72 3.40
CA ARG B 192 -0.61 19.89 2.69
C ARG B 192 -0.53 21.16 3.51
N SER B 193 -0.82 21.08 4.81
CA SER B 193 -0.89 22.30 5.64
C SER B 193 0.47 22.98 5.83
N ILE B 194 1.56 22.24 5.60
CA ILE B 194 2.87 22.80 5.47
C ILE B 194 3.26 23.05 4.00
N ARG B 195 3.19 22.03 3.15
CA ARG B 195 3.76 22.13 1.80
C ARG B 195 3.12 23.27 0.99
N ASP B 196 1.82 23.41 1.16
CA ASP B 196 1.00 24.31 0.32
C ASP B 196 0.76 25.65 0.97
N ALA B 197 1.36 25.86 2.14
CA ALA B 197 1.23 27.16 2.80
C ALA B 197 1.92 28.23 2.03
N ALA B 198 1.47 29.49 2.20
CA ALA B 198 2.15 30.61 1.59
C ALA B 198 3.64 30.67 1.98
N SER B 199 3.89 30.36 3.27
CA SER B 199 5.22 30.19 3.83
C SER B 199 5.29 28.87 4.59
N PRO B 200 5.81 27.83 3.96
CA PRO B 200 5.99 26.55 4.68
C PRO B 200 6.78 26.69 5.99
N VAL B 201 7.77 27.59 6.02
CA VAL B 201 8.58 27.74 7.24
C VAL B 201 7.68 28.26 8.34
N GLU B 202 6.92 29.31 8.04
CA GLU B 202 6.06 29.86 9.08
C GLU B 202 4.93 28.90 9.46
N ALA B 203 4.44 28.11 8.52
CA ALA B 203 3.41 27.13 8.83
C ALA B 203 3.92 26.11 9.86
N ALA B 204 5.10 25.59 9.56
CA ALA B 204 5.76 24.65 10.50
C ALA B 204 6.00 25.27 11.84
N ARG B 205 6.46 26.51 11.89
CA ARG B 205 6.73 27.20 13.15
C ARG B 205 5.46 27.44 13.96
N GLN B 206 4.34 27.73 13.28
CA GLN B 206 3.05 27.85 13.95
C GLN B 206 2.62 26.52 14.61
N PHE B 207 2.77 25.42 13.88
CA PHE B 207 2.45 24.11 14.43
C PHE B 207 3.33 23.94 15.69
N LYS B 208 4.60 24.25 15.59
CA LYS B 208 5.51 24.07 16.76
C LYS B 208 5.14 24.95 17.94
N ARG B 209 4.80 26.22 17.66
CA ARG B 209 4.38 27.12 18.74
C ARG B 209 3.08 26.65 19.42
N SER B 210 2.07 26.21 18.64
CA SER B 210 0.83 25.78 19.20
C SER B 210 1.03 24.52 20.03
N ILE B 211 1.80 23.59 19.50
CA ILE B 211 2.15 22.39 20.23
C ILE B 211 2.81 22.71 21.57
N ALA B 212 3.77 23.63 21.59
CA ALA B 212 4.51 23.97 22.83
C ALA B 212 3.55 24.58 23.87
N GLU B 213 2.54 25.32 23.40
CA GLU B 213 1.57 25.90 24.28
C GLU B 213 0.57 24.88 24.81
N LEU B 214 0.03 24.04 23.94
CA LEU B 214 -1.00 23.07 24.29
C LEU B 214 -0.48 21.92 25.15
N TRP B 215 0.81 21.55 24.99
CA TRP B 215 1.40 20.42 25.73
C TRP B 215 2.49 20.85 26.71
N GLY B 216 2.75 22.13 26.81
CA GLY B 216 3.73 22.61 27.74
C GLY B 216 3.00 22.70 29.07
MG MG C . 1.20 -8.74 -6.80
MG MG D . 1.20 -8.74 -6.80
O8 LX1 E . 2.81 -15.72 -5.08
P LX1 E . 3.36 -15.47 -6.46
O6 LX1 E . 4.87 -15.51 -6.51
O7 LX1 E . 2.70 -16.36 -7.47
O5 LX1 E . 2.99 -13.94 -6.85
C5 LX1 E . 1.67 -13.50 -7.18
C4 LX1 E . 1.19 -12.70 -5.97
O4 LX1 E . -0.14 -12.31 -6.27
C3 LX1 E . 2.01 -11.46 -5.64
O3 LX1 E . 2.28 -10.64 -6.80
C2 LX1 E . 1.08 -10.78 -4.65
O2 LX1 E . 0.85 -9.43 -4.90
C1 LX1 E . 1.38 -11.05 -3.24
O8 LX1 F . -3.28 14.88 4.83
P LX1 F . -1.90 15.53 4.76
O6 LX1 F . -1.72 16.34 3.46
O7 LX1 F . -1.51 16.33 6.00
O5 LX1 F . -0.71 14.42 4.60
C5 LX1 F . -0.39 13.53 5.67
C4 LX1 F . -1.06 12.17 5.46
O4 LX1 F . -0.69 11.41 6.59
C3 LX1 F . -0.59 11.46 4.19
O3 LX1 F . 0.85 11.42 4.12
C2 LX1 F . -1.14 10.06 4.40
O2 LX1 F . -0.23 9.03 4.16
C1 LX1 F . -2.45 9.79 3.77
#